data_7U2S
#
_entry.id   7U2S
#
_cell.length_a   60.030
_cell.length_b   58.295
_cell.length_c   76.188
_cell.angle_alpha   90.000
_cell.angle_beta   101.900
_cell.angle_gamma   90.000
#
_symmetry.space_group_name_H-M   'P 1 21 1'
#
loop_
_entity.id
_entity.type
_entity.pdbx_description
1 polymer Apyc1
2 non-polymer 'ZINC ION'
3 water water
#
_entity_poly.entity_id   1
_entity_poly.type   'polypeptide(L)'
_entity_poly.pdbx_seq_one_letter_code
;SSLQIQMIGTGSAFAKKFYNNNALVKCNGFQLLIDCGVTAPRALHELGVPITGIDGILITHIHADHVGGIEEFAFRLKYK
YGMTIKLFVPAALVNPLWDHSLRGGLENKAEGLEQLADYFDVVALEEAVVHEIHPGLTVELVRSQHIAGKASYSLLLNNL
LFYSSDARFNYAQLVELSTSGRCKYILHDCQLAEPAAVHATLNELLTLPEAVQEMIMLMHYDDEMEQFIGKSGKMSFMQQ
HKTYSFTEAT
;
_entity_poly.pdbx_strand_id   A,B
#
loop_
_chem_comp.id
_chem_comp.type
_chem_comp.name
_chem_comp.formula
ZN non-polymer 'ZINC ION' 'Zn 2'
#
# COMPACT_ATOMS: atom_id res chain seq x y z
N SER A 1 3.97 -30.86 -13.62
CA SER A 1 3.78 -30.95 -12.17
C SER A 1 4.75 -30.05 -11.39
N SER A 2 6.02 -30.05 -11.78
CA SER A 2 7.00 -29.25 -11.06
C SER A 2 6.74 -27.75 -11.24
N LEU A 3 7.20 -26.99 -10.28
CA LEU A 3 7.02 -25.54 -10.29
C LEU A 3 8.12 -24.93 -9.44
N GLN A 4 8.33 -23.65 -9.61
CA GLN A 4 9.24 -22.91 -8.75
C GLN A 4 8.48 -21.78 -8.08
N ILE A 5 8.92 -21.42 -6.88
CA ILE A 5 8.38 -20.30 -6.13
C ILE A 5 9.54 -19.46 -5.62
N GLN A 6 9.45 -18.16 -5.87
CA GLN A 6 10.38 -17.18 -5.32
C GLN A 6 9.57 -16.16 -4.54
N MET A 7 9.79 -16.08 -3.24
CA MET A 7 9.02 -15.14 -2.45
C MET A 7 9.60 -13.75 -2.69
N ILE A 8 8.79 -12.85 -3.27
CA ILE A 8 9.29 -11.50 -3.42
C ILE A 8 9.32 -10.78 -2.08
N GLY A 9 8.52 -11.25 -1.13
CA GLY A 9 8.65 -10.88 0.28
C GLY A 9 8.22 -12.05 1.13
N THR A 10 8.74 -12.10 2.36
CA THR A 10 8.44 -13.19 3.28
C THR A 10 7.88 -12.70 4.60
N GLY A 11 7.57 -11.42 4.72
CA GLY A 11 7.25 -10.85 6.01
C GLY A 11 5.77 -10.86 6.37
N SER A 12 5.55 -10.71 7.68
CA SER A 12 4.21 -10.43 8.18
C SER A 12 3.79 -9.02 7.77
N ALA A 13 2.59 -8.62 8.15
CA ALA A 13 1.94 -7.49 7.49
C ALA A 13 2.68 -6.18 7.71
N PHE A 14 3.39 -6.03 8.84
CA PHE A 14 4.07 -4.78 9.15
C PHE A 14 5.57 -4.99 9.35
N ALA A 15 6.10 -6.12 8.91
CA ALA A 15 7.54 -6.32 9.02
C ALA A 15 8.27 -5.26 8.22
N LYS A 16 9.35 -4.74 8.81
CA LYS A 16 10.11 -3.69 8.14
C LYS A 16 11.40 -4.20 7.53
N LYS A 17 11.82 -5.41 7.86
CA LYS A 17 13.02 -6.02 7.29
C LYS A 17 12.71 -6.99 6.17
N PHE A 18 11.44 -7.35 5.97
CA PHE A 18 11.01 -8.23 4.91
C PHE A 18 9.83 -7.61 4.20
N TYR A 19 9.79 -7.75 2.88
CA TYR A 19 8.64 -7.27 2.11
C TYR A 19 7.42 -8.14 2.38
N ASN A 20 6.24 -7.66 1.93
CA ASN A 20 4.99 -8.37 2.16
C ASN A 20 5.08 -9.79 1.59
N ASN A 21 4.39 -10.72 2.25
CA ASN A 21 4.45 -12.13 1.89
C ASN A 21 3.64 -12.38 0.62
N ASN A 22 4.32 -12.30 -0.52
CA ASN A 22 3.73 -12.44 -1.85
C ASN A 22 4.67 -13.32 -2.62
N ALA A 23 4.12 -14.26 -3.39
CA ALA A 23 4.91 -15.33 -4.00
C ALA A 23 4.89 -15.23 -5.51
N LEU A 24 6.06 -15.29 -6.13
CA LEU A 24 6.17 -15.38 -7.59
C LEU A 24 6.27 -16.86 -7.94
N VAL A 25 5.23 -17.40 -8.58
CA VAL A 25 5.19 -18.80 -8.99
C VAL A 25 5.54 -18.88 -10.47
N LYS A 26 6.51 -19.71 -10.83
CA LYS A 26 6.90 -19.93 -12.21
C LYS A 26 6.61 -21.36 -12.59
N CYS A 27 5.88 -21.58 -13.68
CA CYS A 27 5.51 -22.93 -14.09
C CYS A 27 5.22 -22.94 -15.58
N ASN A 28 6.02 -23.71 -16.34
CA ASN A 28 5.76 -23.94 -17.76
C ASN A 28 5.62 -22.61 -18.51
N GLY A 29 6.45 -21.64 -18.15
CA GLY A 29 6.47 -20.37 -18.84
C GLY A 29 5.54 -19.32 -18.30
N PHE A 30 4.63 -19.68 -17.40
CA PHE A 30 3.67 -18.75 -16.81
C PHE A 30 4.23 -18.20 -15.51
N GLN A 31 4.05 -16.91 -15.27
CA GLN A 31 4.42 -16.30 -14.00
C GLN A 31 3.17 -15.81 -13.29
N LEU A 32 2.89 -16.41 -12.13
CA LEU A 32 1.74 -16.07 -11.30
C LEU A 32 2.25 -15.40 -10.03
N LEU A 33 1.76 -14.21 -9.73
CA LEU A 33 2.07 -13.55 -8.46
C LEU A 33 0.93 -13.84 -7.50
N ILE A 34 1.22 -14.56 -6.42
CA ILE A 34 0.23 -14.81 -5.38
C ILE A 34 0.31 -13.67 -4.39
N ASP A 35 -0.74 -12.84 -4.39
CA ASP A 35 -0.91 -11.64 -3.59
C ASP A 35 0.00 -10.49 -4.02
N CYS A 36 -0.46 -9.28 -3.76
CA CYS A 36 0.12 -8.09 -4.38
C CYS A 36 -0.04 -6.96 -3.36
N GLY A 37 0.81 -6.99 -2.33
CA GLY A 37 0.70 -6.05 -1.24
C GLY A 37 1.33 -4.70 -1.55
N VAL A 38 1.23 -3.79 -0.58
CA VAL A 38 1.81 -2.46 -0.71
C VAL A 38 3.26 -2.52 -1.19
N THR A 39 4.02 -3.56 -0.81
CA THR A 39 5.44 -3.63 -1.18
C THR A 39 5.70 -4.36 -2.49
N ALA A 40 4.68 -4.97 -3.10
CA ALA A 40 4.97 -5.82 -4.27
C ALA A 40 5.65 -5.05 -5.40
N PRO A 41 5.22 -3.84 -5.77
CA PRO A 41 5.95 -3.13 -6.84
C PRO A 41 7.40 -2.87 -6.49
N ARG A 42 7.70 -2.48 -5.25
CA ARG A 42 9.08 -2.24 -4.87
C ARG A 42 9.89 -3.53 -4.83
N ALA A 43 9.29 -4.63 -4.39
CA ALA A 43 10.04 -5.88 -4.34
C ALA A 43 10.35 -6.39 -5.75
N LEU A 44 9.37 -6.32 -6.65
CA LEU A 44 9.62 -6.72 -8.03
C LEU A 44 10.68 -5.84 -8.67
N HIS A 45 10.63 -4.54 -8.39
CA HIS A 45 11.63 -3.63 -8.92
C HIS A 45 13.03 -4.02 -8.43
N GLU A 46 13.16 -4.30 -7.14
CA GLU A 46 14.44 -4.73 -6.59
C GLU A 46 14.95 -6.00 -7.26
N LEU A 47 14.05 -6.90 -7.64
CA LEU A 47 14.41 -8.14 -8.30
C LEU A 47 14.62 -7.99 -9.79
N GLY A 48 14.34 -6.82 -10.36
CA GLY A 48 14.45 -6.66 -11.80
C GLY A 48 13.39 -7.39 -12.59
N VAL A 49 12.21 -7.58 -12.02
CA VAL A 49 11.10 -8.22 -12.72
C VAL A 49 10.13 -7.13 -13.16
N PRO A 50 10.04 -6.82 -14.45
CA PRO A 50 9.03 -5.86 -14.89
C PRO A 50 7.63 -6.45 -14.70
N ILE A 51 6.68 -5.57 -14.39
CA ILE A 51 5.33 -6.06 -14.15
C ILE A 51 4.73 -6.61 -15.43
N THR A 52 5.28 -6.24 -16.59
CA THR A 52 4.83 -6.81 -17.84
C THR A 52 5.16 -8.29 -17.95
N GLY A 53 6.07 -8.79 -17.12
CA GLY A 53 6.37 -10.22 -17.09
C GLY A 53 5.45 -11.04 -16.22
N ILE A 54 4.49 -10.42 -15.55
CA ILE A 54 3.55 -11.11 -14.69
C ILE A 54 2.34 -11.47 -15.54
N ASP A 55 2.04 -12.76 -15.65
CA ASP A 55 0.89 -13.16 -16.46
C ASP A 55 -0.41 -13.06 -15.70
N GLY A 56 -0.37 -13.18 -14.38
CA GLY A 56 -1.57 -13.05 -13.59
C GLY A 56 -1.23 -12.86 -12.13
N ILE A 57 -2.18 -12.27 -11.42
CA ILE A 57 -2.10 -12.05 -9.98
C ILE A 57 -3.25 -12.80 -9.35
N LEU A 58 -2.99 -13.56 -8.28
CA LEU A 58 -4.05 -14.23 -7.55
C LEU A 58 -4.11 -13.67 -6.13
N ILE A 59 -5.31 -13.31 -5.68
CA ILE A 59 -5.52 -12.68 -4.37
C ILE A 59 -6.10 -13.73 -3.41
N THR A 60 -5.53 -13.84 -2.20
CA THR A 60 -6.03 -14.82 -1.24
C THR A 60 -6.91 -14.23 -0.16
N HIS A 61 -6.82 -12.92 0.10
CA HIS A 61 -7.73 -12.23 1.01
C HIS A 61 -7.44 -10.74 0.91
N ILE A 62 -8.32 -9.93 1.53
CA ILE A 62 -8.26 -8.49 1.42
C ILE A 62 -7.62 -7.95 2.70
N HIS A 63 -6.34 -7.64 2.59
CA HIS A 63 -5.57 -6.86 3.55
C HIS A 63 -4.52 -6.13 2.73
N ALA A 64 -3.98 -5.05 3.30
CA ALA A 64 -3.11 -4.18 2.51
C ALA A 64 -1.85 -4.89 2.06
N ASP A 65 -1.34 -5.87 2.85
CA ASP A 65 -0.14 -6.59 2.44
C ASP A 65 -0.44 -7.67 1.39
N HIS A 66 -1.67 -7.71 0.90
CA HIS A 66 -2.05 -8.61 -0.17
C HIS A 66 -2.74 -7.92 -1.33
N VAL A 67 -3.27 -6.70 -1.16
CA VAL A 67 -3.95 -6.04 -2.26
C VAL A 67 -3.45 -4.61 -2.48
N GLY A 68 -2.61 -4.08 -1.57
CA GLY A 68 -2.26 -2.66 -1.62
C GLY A 68 -1.33 -2.25 -2.75
N GLY A 69 -0.82 -3.20 -3.52
CA GLY A 69 0.00 -2.92 -4.68
C GLY A 69 -0.74 -3.00 -5.99
N ILE A 70 -2.01 -3.45 -5.96
CA ILE A 70 -2.73 -3.66 -7.21
C ILE A 70 -2.94 -2.34 -7.96
N GLU A 71 -3.22 -1.25 -7.22
CA GLU A 71 -3.47 0.03 -7.88
C GLU A 71 -2.31 0.45 -8.75
N GLU A 72 -1.07 0.33 -8.25
CA GLU A 72 0.09 0.71 -9.06
C GLU A 72 0.20 -0.18 -10.29
N PHE A 73 0.04 -1.49 -10.11
CA PHE A 73 0.00 -2.40 -11.27
C PHE A 73 -1.03 -1.93 -12.28
N ALA A 74 -2.24 -1.63 -11.81
CA ALA A 74 -3.33 -1.30 -12.70
C ALA A 74 -3.03 -0.04 -13.49
N PHE A 75 -2.52 0.99 -12.82
CA PHE A 75 -2.24 2.25 -13.51
C PHE A 75 -1.11 2.08 -14.51
N ARG A 76 -0.03 1.41 -14.10
CA ARG A 76 1.11 1.30 -15.01
C ARG A 76 0.78 0.42 -16.21
N LEU A 77 0.07 -0.69 -15.97
CA LEU A 77 -0.31 -1.56 -17.09
C LEU A 77 -1.24 -0.85 -18.06
N LYS A 78 -2.13 0.00 -17.55
CA LYS A 78 -3.04 0.71 -18.45
C LYS A 78 -2.36 1.86 -19.18
N TYR A 79 -1.70 2.76 -18.44
CA TYR A 79 -1.26 4.01 -19.04
C TYR A 79 0.16 3.95 -19.58
N LYS A 80 1.03 3.10 -19.03
CA LYS A 80 2.38 3.01 -19.57
C LYS A 80 2.53 1.87 -20.57
N TYR A 81 2.00 0.69 -20.26
CA TYR A 81 2.26 -0.48 -21.08
C TYR A 81 1.10 -0.86 -22.01
N GLY A 82 -0.12 -0.41 -21.72
CA GLY A 82 -1.26 -0.81 -22.50
C GLY A 82 -1.41 -2.32 -22.56
N MET A 83 -1.31 -2.98 -21.40
CA MET A 83 -1.30 -4.43 -21.34
C MET A 83 -2.36 -4.93 -20.36
N THR A 84 -3.01 -6.03 -20.73
CA THR A 84 -4.01 -6.68 -19.90
C THR A 84 -3.43 -7.97 -19.34
N ILE A 85 -3.34 -8.07 -18.01
CA ILE A 85 -2.97 -9.31 -17.34
C ILE A 85 -4.19 -9.82 -16.57
N LYS A 86 -4.09 -11.07 -16.12
CA LYS A 86 -5.20 -11.70 -15.44
C LYS A 86 -5.17 -11.40 -13.96
N LEU A 87 -6.34 -11.24 -13.37
CA LEU A 87 -6.47 -11.04 -11.94
C LEU A 87 -7.42 -12.12 -11.44
N PHE A 88 -6.86 -13.12 -10.76
CA PHE A 88 -7.62 -14.26 -10.26
C PHE A 88 -8.11 -13.94 -8.86
N VAL A 89 -9.43 -14.00 -8.65
CA VAL A 89 -10.03 -13.59 -7.38
C VAL A 89 -11.02 -14.67 -6.94
N PRO A 90 -10.93 -15.17 -5.72
CA PRO A 90 -11.95 -16.07 -5.19
C PRO A 90 -13.33 -15.44 -5.36
N ALA A 91 -14.30 -16.26 -5.75
CA ALA A 91 -15.61 -15.73 -6.13
C ALA A 91 -16.22 -14.87 -5.02
N ALA A 92 -16.02 -15.26 -3.76
CA ALA A 92 -16.57 -14.52 -2.63
C ALA A 92 -15.91 -13.18 -2.42
N LEU A 93 -14.73 -12.95 -3.03
CA LEU A 93 -14.01 -11.70 -2.87
C LEU A 93 -14.07 -10.79 -4.09
N VAL A 94 -14.62 -11.24 -5.21
CA VAL A 94 -14.64 -10.43 -6.43
C VAL A 94 -15.29 -9.08 -6.17
N ASN A 95 -16.48 -9.08 -5.57
CA ASN A 95 -17.20 -7.83 -5.36
C ASN A 95 -16.55 -6.95 -4.30
N PRO A 96 -16.27 -7.44 -3.08
CA PRO A 96 -15.66 -6.53 -2.09
C PRO A 96 -14.26 -6.04 -2.49
N LEU A 97 -13.49 -6.82 -3.25
CA LEU A 97 -12.16 -6.35 -3.65
C LEU A 97 -12.25 -5.04 -4.44
N TRP A 98 -13.21 -4.94 -5.36
CA TRP A 98 -13.44 -3.66 -6.00
C TRP A 98 -14.23 -2.73 -5.09
N ASP A 99 -15.43 -3.16 -4.68
CA ASP A 99 -16.40 -2.25 -4.09
C ASP A 99 -15.84 -1.53 -2.86
N HIS A 100 -15.04 -2.25 -2.05
CA HIS A 100 -14.67 -1.76 -0.73
C HIS A 100 -13.17 -1.54 -0.57
N SER A 101 -12.38 -1.71 -1.63
CA SER A 101 -10.94 -1.62 -1.50
C SER A 101 -10.30 -0.89 -2.67
N LEU A 102 -10.51 -1.38 -3.89
CA LEU A 102 -9.78 -0.82 -5.02
C LEU A 102 -10.53 0.32 -5.70
N ARG A 103 -11.86 0.37 -5.54
CA ARG A 103 -12.66 1.34 -6.28
C ARG A 103 -12.26 2.76 -5.95
N GLY A 104 -11.97 3.04 -4.68
CA GLY A 104 -11.71 4.43 -4.28
C GLY A 104 -10.67 5.11 -5.14
N GLY A 105 -9.53 4.44 -5.34
CA GLY A 105 -8.45 5.01 -6.13
C GLY A 105 -8.54 4.73 -7.61
N LEU A 106 -9.10 3.59 -8.00
CA LEU A 106 -9.11 3.21 -9.41
C LEU A 106 -10.34 3.68 -10.18
N GLU A 107 -11.46 3.96 -9.51
CA GLU A 107 -12.62 4.46 -10.25
C GLU A 107 -12.26 5.76 -10.95
N ASN A 108 -12.62 5.86 -12.23
CA ASN A 108 -12.41 7.08 -13.01
C ASN A 108 -13.58 7.16 -13.98
N LYS A 109 -14.73 7.59 -13.45
CA LYS A 109 -15.96 7.54 -14.23
C LYS A 109 -15.85 8.40 -15.48
N ALA A 110 -15.13 9.52 -15.41
CA ALA A 110 -15.08 10.39 -16.57
C ALA A 110 -14.26 9.80 -17.72
N GLU A 111 -13.46 8.78 -17.45
CA GLU A 111 -12.74 8.04 -18.49
C GLU A 111 -13.40 6.70 -18.79
N GLY A 112 -14.59 6.45 -18.25
CA GLY A 112 -15.27 5.19 -18.48
C GLY A 112 -14.69 4.02 -17.71
N LEU A 113 -13.93 4.29 -16.67
CA LEU A 113 -13.25 3.22 -15.92
C LEU A 113 -14.01 3.05 -14.60
N GLU A 114 -15.05 2.20 -14.64
CA GLU A 114 -15.96 2.07 -13.52
C GLU A 114 -15.91 0.71 -12.84
N GLN A 115 -15.12 -0.24 -13.34
CA GLN A 115 -15.10 -1.55 -12.74
C GLN A 115 -13.70 -2.14 -12.84
N LEU A 116 -13.45 -3.15 -12.01
CA LEU A 116 -12.15 -3.78 -11.96
C LEU A 116 -11.76 -4.37 -13.32
N ALA A 117 -12.73 -4.87 -14.07
CA ALA A 117 -12.48 -5.44 -15.39
C ALA A 117 -11.93 -4.42 -16.38
N ASP A 118 -12.03 -3.13 -16.07
CA ASP A 118 -11.45 -2.11 -16.93
C ASP A 118 -9.94 -2.02 -16.76
N TYR A 119 -9.38 -2.72 -15.78
CA TYR A 119 -7.96 -2.70 -15.52
C TYR A 119 -7.27 -4.06 -15.60
N PHE A 120 -8.04 -5.15 -15.58
CA PHE A 120 -7.52 -6.51 -15.62
C PHE A 120 -8.55 -7.39 -16.32
N ASP A 121 -8.10 -8.56 -16.78
CA ASP A 121 -9.00 -9.66 -17.13
C ASP A 121 -9.30 -10.36 -15.81
N VAL A 122 -10.48 -10.11 -15.24
CA VAL A 122 -10.83 -10.66 -13.94
C VAL A 122 -11.37 -12.07 -14.11
N VAL A 123 -10.80 -13.01 -13.36
CA VAL A 123 -11.16 -14.42 -13.45
C VAL A 123 -11.61 -14.83 -12.05
N ALA A 124 -12.90 -15.00 -11.87
CA ALA A 124 -13.47 -15.44 -10.61
C ALA A 124 -13.24 -16.94 -10.42
N LEU A 125 -12.70 -17.32 -9.26
CA LEU A 125 -12.40 -18.71 -8.97
C LEU A 125 -13.30 -19.23 -7.86
N GLU A 126 -14.13 -20.23 -8.17
CA GLU A 126 -14.92 -20.89 -7.13
C GLU A 126 -14.01 -21.75 -6.27
N GLU A 127 -14.32 -21.83 -4.97
CA GLU A 127 -13.48 -22.66 -4.12
C GLU A 127 -13.82 -24.13 -4.32
N ALA A 128 -12.86 -24.99 -3.93
CA ALA A 128 -13.05 -26.45 -3.92
C ALA A 128 -13.31 -26.99 -5.33
N VAL A 129 -12.75 -26.31 -6.32
CA VAL A 129 -12.72 -26.75 -7.72
C VAL A 129 -11.28 -26.58 -8.18
N VAL A 130 -10.77 -27.52 -8.97
CA VAL A 130 -9.42 -27.32 -9.49
C VAL A 130 -9.49 -26.43 -10.72
N HIS A 131 -8.59 -25.45 -10.79
CA HIS A 131 -8.54 -24.49 -11.87
C HIS A 131 -7.20 -24.65 -12.58
N GLU A 132 -7.23 -24.97 -13.87
CA GLU A 132 -6.00 -24.98 -14.66
C GLU A 132 -5.83 -23.59 -15.24
N ILE A 133 -4.98 -22.78 -14.62
CA ILE A 133 -4.84 -21.42 -15.10
C ILE A 133 -3.82 -21.30 -16.24
N HIS A 134 -2.98 -22.31 -16.42
CA HIS A 134 -2.07 -22.42 -17.56
C HIS A 134 -1.75 -23.89 -17.69
N PRO A 135 -1.51 -24.40 -18.90
CA PRO A 135 -1.19 -25.84 -19.01
C PRO A 135 -0.07 -26.24 -18.06
N GLY A 136 -0.33 -27.23 -17.21
CA GLY A 136 0.63 -27.67 -16.22
C GLY A 136 0.55 -26.96 -14.88
N LEU A 137 -0.24 -25.89 -14.76
CA LEU A 137 -0.33 -25.11 -13.53
C LEU A 137 -1.77 -25.12 -13.03
N THR A 138 -2.04 -25.82 -11.93
CA THR A 138 -3.37 -25.84 -11.36
C THR A 138 -3.38 -25.21 -9.97
N VAL A 139 -4.49 -24.54 -9.67
CA VAL A 139 -4.74 -23.92 -8.37
C VAL A 139 -6.07 -24.41 -7.84
N GLU A 140 -6.07 -24.85 -6.58
CA GLU A 140 -7.29 -25.23 -5.90
C GLU A 140 -7.36 -24.42 -4.62
N LEU A 141 -8.42 -23.63 -4.47
CA LEU A 141 -8.62 -22.85 -3.27
C LEU A 141 -9.17 -23.72 -2.15
N VAL A 142 -8.70 -23.45 -0.92
CA VAL A 142 -9.19 -24.10 0.28
C VAL A 142 -9.48 -22.98 1.29
N ARG A 143 -10.73 -22.86 1.74
CA ARG A 143 -11.04 -21.82 2.72
C ARG A 143 -10.15 -21.96 3.95
N SER A 144 -9.50 -20.86 4.34
CA SER A 144 -8.69 -20.80 5.55
C SER A 144 -9.46 -20.08 6.64
N GLN A 145 -8.96 -20.19 7.87
CA GLN A 145 -9.44 -19.34 8.95
C GLN A 145 -8.35 -18.31 9.24
N HIS A 146 -8.70 -17.04 9.15
CA HIS A 146 -7.78 -15.94 9.40
C HIS A 146 -8.55 -14.94 10.26
N ILE A 147 -9.24 -14.00 9.63
CA ILE A 147 -10.15 -13.11 10.36
C ILE A 147 -11.54 -13.75 10.34
N ALA A 148 -12.08 -14.06 11.51
CA ALA A 148 -13.42 -14.64 11.57
C ALA A 148 -14.42 -13.72 10.88
N GLY A 149 -15.22 -14.29 9.98
CA GLY A 149 -16.22 -13.53 9.28
C GLY A 149 -15.77 -12.90 7.97
N LYS A 150 -14.50 -13.08 7.60
CA LYS A 150 -13.94 -12.54 6.37
C LYS A 150 -13.35 -13.70 5.56
N ALA A 151 -13.70 -13.76 4.28
CA ALA A 151 -13.26 -14.86 3.43
C ALA A 151 -11.77 -14.78 3.15
N SER A 152 -11.06 -15.86 3.42
CA SER A 152 -9.64 -15.97 3.11
C SER A 152 -9.35 -17.39 2.66
N TYR A 153 -8.28 -17.56 1.88
CA TYR A 153 -8.01 -18.83 1.23
C TYR A 153 -6.56 -19.24 1.32
N SER A 154 -6.36 -20.53 1.53
CA SER A 154 -5.11 -21.22 1.21
C SER A 154 -5.24 -21.80 -0.20
N LEU A 155 -4.13 -22.30 -0.73
CA LEU A 155 -4.11 -22.77 -2.11
C LEU A 155 -3.35 -24.08 -2.20
N LEU A 156 -3.82 -25.00 -3.04
CA LEU A 156 -3.04 -26.17 -3.41
C LEU A 156 -2.58 -25.98 -4.86
N LEU A 157 -1.27 -26.01 -5.08
CA LEU A 157 -0.67 -25.76 -6.37
C LEU A 157 -0.22 -27.08 -6.97
N ASN A 158 -0.68 -27.37 -8.19
CA ASN A 158 -0.23 -28.56 -8.95
C ASN A 158 -0.39 -29.85 -8.17
N ASN A 159 -1.39 -29.92 -7.29
CA ASN A 159 -1.57 -31.09 -6.41
C ASN A 159 -0.24 -31.50 -5.77
N LEU A 160 0.54 -30.52 -5.35
CA LEU A 160 1.92 -30.78 -4.94
C LEU A 160 2.35 -29.91 -3.76
N LEU A 161 1.99 -28.63 -3.79
CA LEU A 161 2.45 -27.67 -2.78
C LEU A 161 1.24 -27.00 -2.15
N PHE A 162 1.14 -27.07 -0.84
CA PHE A 162 0.08 -26.38 -0.12
C PHE A 162 0.63 -25.05 0.38
N TYR A 163 0.01 -23.96 -0.05
CA TYR A 163 0.43 -22.60 0.30
C TYR A 163 -0.62 -22.04 1.24
N SER A 164 -0.28 -21.86 2.52
CA SER A 164 -1.31 -21.54 3.50
C SER A 164 -1.87 -20.13 3.31
N SER A 165 -1.07 -19.24 2.76
CA SER A 165 -1.28 -17.79 2.93
C SER A 165 -1.53 -17.48 4.42
N ASP A 166 -2.27 -16.42 4.74
CA ASP A 166 -2.58 -16.13 6.13
C ASP A 166 -3.54 -17.19 6.66
N ALA A 167 -3.16 -17.84 7.77
CA ALA A 167 -3.91 -19.02 8.18
C ALA A 167 -3.66 -19.33 9.65
N ARG A 168 -4.74 -19.51 10.41
CA ARG A 168 -4.63 -20.09 11.74
C ARG A 168 -4.19 -21.54 11.65
N PHE A 169 -3.65 -22.03 12.77
CA PHE A 169 -3.14 -23.38 12.85
C PHE A 169 -4.29 -24.39 12.83
N ASN A 170 -4.20 -25.39 11.97
CA ASN A 170 -5.18 -26.48 11.86
C ASN A 170 -4.41 -27.79 11.88
N TYR A 171 -4.25 -28.36 13.08
CA TYR A 171 -3.43 -29.57 13.24
C TYR A 171 -3.91 -30.70 12.36
N ALA A 172 -5.22 -30.98 12.37
CA ALA A 172 -5.74 -32.13 11.66
C ALA A 172 -5.65 -31.97 10.16
N GLN A 173 -5.86 -30.74 9.66
CA GLN A 173 -5.78 -30.52 8.23
C GLN A 173 -4.36 -30.71 7.72
N LEU A 174 -3.37 -30.19 8.47
CA LEU A 174 -1.98 -30.34 8.06
C LEU A 174 -1.53 -31.80 8.10
N VAL A 175 -1.89 -32.54 9.15
CA VAL A 175 -1.52 -33.96 9.20
C VAL A 175 -2.24 -34.74 8.09
N GLU A 176 -3.47 -34.38 7.79
CA GLU A 176 -4.17 -34.99 6.67
C GLU A 176 -3.46 -34.70 5.35
N LEU A 177 -2.99 -33.46 5.14
CA LEU A 177 -2.21 -33.15 3.95
C LEU A 177 -0.96 -34.01 3.87
N SER A 178 -0.29 -34.23 5.01
CA SER A 178 0.97 -34.96 5.00
C SER A 178 0.79 -36.41 4.61
N THR A 179 -0.40 -36.97 4.80
CA THR A 179 -0.62 -38.38 4.58
C THR A 179 -1.60 -38.69 3.45
N SER A 180 -2.39 -37.72 3.01
CA SER A 180 -3.38 -37.99 1.96
C SER A 180 -2.74 -38.10 0.58
N GLY A 181 -1.52 -37.60 0.42
CA GLY A 181 -0.91 -37.54 -0.89
C GLY A 181 -1.24 -36.28 -1.65
N ARG A 182 -2.10 -35.41 -1.12
CA ARG A 182 -2.50 -34.22 -1.86
C ARG A 182 -1.37 -33.19 -1.94
N CYS A 183 -0.37 -33.28 -1.07
CA CYS A 183 0.81 -32.43 -1.23
C CYS A 183 2.05 -33.12 -0.70
N LYS A 184 3.20 -32.61 -1.16
CA LYS A 184 4.52 -33.05 -0.75
C LYS A 184 5.26 -31.96 0.01
N TYR A 185 4.79 -30.72 -0.11
CA TYR A 185 5.42 -29.55 0.47
C TYR A 185 4.33 -28.65 1.04
N ILE A 186 4.64 -28.00 2.16
CA ILE A 186 3.76 -27.03 2.79
C ILE A 186 4.56 -25.75 3.04
N LEU A 187 4.01 -24.62 2.63
CA LEU A 187 4.53 -23.30 2.97
C LEU A 187 3.52 -22.65 3.89
N HIS A 188 3.94 -22.33 5.11
CA HIS A 188 2.97 -21.97 6.14
C HIS A 188 3.29 -20.65 6.83
N ASP A 189 2.25 -19.84 6.97
CA ASP A 189 2.19 -18.68 7.87
C ASP A 189 2.76 -19.03 9.24
N CYS A 190 3.63 -18.16 9.77
CA CYS A 190 4.31 -18.43 11.04
C CYS A 190 4.48 -17.13 11.83
N GLN A 191 3.68 -16.96 12.87
CA GLN A 191 3.81 -15.85 13.80
C GLN A 191 4.77 -16.25 14.91
N LEU A 192 5.81 -15.42 15.13
CA LEU A 192 6.85 -15.77 16.08
C LEU A 192 6.48 -15.41 17.50
N ALA A 193 5.66 -14.38 17.69
CA ALA A 193 5.29 -13.95 19.02
C ALA A 193 4.01 -14.64 19.46
N GLU A 194 3.88 -14.80 20.77
CA GLU A 194 2.73 -15.28 21.51
C GLU A 194 1.86 -14.09 21.92
N PRO A 195 0.54 -14.29 22.12
CA PRO A 195 -0.21 -15.54 21.95
C PRO A 195 -0.83 -15.66 20.55
N ALA A 196 -1.39 -16.82 20.25
CA ALA A 196 -1.99 -17.08 18.93
C ALA A 196 -3.36 -16.40 18.83
N ALA A 197 -3.56 -15.68 17.72
CA ALA A 197 -4.89 -15.14 17.41
C ALA A 197 -5.31 -15.49 15.99
N VAL A 198 -4.87 -14.71 15.00
CA VAL A 198 -5.34 -14.92 13.63
C VAL A 198 -4.27 -15.50 12.71
N HIS A 199 -3.15 -15.95 13.28
CA HIS A 199 -2.08 -16.61 12.54
C HIS A 199 -1.57 -17.81 13.34
N ALA A 200 -1.21 -18.88 12.63
CA ALA A 200 -0.50 -19.98 13.27
C ALA A 200 0.80 -19.47 13.87
N THR A 201 1.12 -19.92 15.07
CA THR A 201 2.38 -19.52 15.67
C THR A 201 3.41 -20.62 15.53
N LEU A 202 4.68 -20.24 15.67
CA LEU A 202 5.75 -21.24 15.63
C LEU A 202 5.54 -22.32 16.68
N ASN A 203 5.12 -21.95 17.89
CA ASN A 203 4.92 -22.96 18.93
C ASN A 203 3.79 -23.92 18.54
N GLU A 204 2.75 -23.43 17.87
CA GLU A 204 1.69 -24.33 17.41
C GLU A 204 2.24 -25.30 16.37
N LEU A 205 2.98 -24.76 15.39
CA LEU A 205 3.54 -25.61 14.33
C LEU A 205 4.51 -26.64 14.88
N LEU A 206 5.21 -26.32 15.97
CA LEU A 206 6.11 -27.28 16.59
C LEU A 206 5.38 -28.42 17.30
N THR A 207 4.05 -28.36 17.42
CA THR A 207 3.33 -29.52 17.94
C THR A 207 3.07 -30.58 16.88
N LEU A 208 3.36 -30.26 15.61
CA LEU A 208 3.13 -31.23 14.54
C LEU A 208 4.11 -32.39 14.63
N PRO A 209 3.71 -33.58 14.19
CA PRO A 209 4.67 -34.69 14.09
C PRO A 209 5.85 -34.30 13.23
N GLU A 210 7.00 -34.91 13.55
CA GLU A 210 8.24 -34.62 12.84
C GLU A 210 8.09 -34.81 11.33
N ALA A 211 7.35 -35.83 10.91
CA ALA A 211 7.20 -36.09 9.48
C ALA A 211 6.50 -34.93 8.77
N VAL A 212 5.55 -34.28 9.45
CA VAL A 212 4.90 -33.10 8.89
C VAL A 212 5.82 -31.88 8.95
N GLN A 213 6.54 -31.70 10.06
CA GLN A 213 7.49 -30.59 10.13
C GLN A 213 8.49 -30.65 8.98
N GLU A 214 8.93 -31.86 8.62
CA GLU A 214 9.89 -32.03 7.54
C GLU A 214 9.35 -31.55 6.19
N MET A 215 8.04 -31.36 6.08
CA MET A 215 7.41 -30.90 4.86
C MET A 215 7.29 -29.39 4.78
N ILE A 216 7.62 -28.66 5.84
CA ILE A 216 7.16 -27.29 6.01
C ILE A 216 8.31 -26.32 5.90
N MET A 217 8.10 -25.26 5.11
CA MET A 217 8.89 -24.04 5.25
C MET A 217 7.97 -22.93 5.71
N LEU A 218 8.56 -21.99 6.45
CA LEU A 218 7.81 -20.97 7.18
C LEU A 218 7.90 -19.62 6.47
N MET A 219 6.80 -18.88 6.46
CA MET A 219 6.73 -17.61 5.76
C MET A 219 5.80 -16.68 6.54
N HIS A 220 5.62 -15.45 6.01
CA HIS A 220 4.79 -14.44 6.67
C HIS A 220 5.26 -14.16 8.09
N TYR A 221 6.57 -14.10 8.29
CA TYR A 221 7.17 -14.02 9.61
C TYR A 221 7.63 -12.61 9.96
N ASP A 222 7.77 -12.34 11.26
CA ASP A 222 8.09 -10.98 11.69
CA ASP A 222 8.09 -10.99 11.71
C ASP A 222 9.60 -10.77 11.70
N ASP A 223 9.99 -9.52 12.01
CA ASP A 223 11.38 -9.09 11.84
C ASP A 223 12.36 -9.85 12.72
N GLU A 224 11.89 -10.53 13.77
CA GLU A 224 12.76 -11.30 14.66
C GLU A 224 13.12 -12.67 14.11
N MET A 225 12.76 -12.98 12.86
CA MET A 225 12.94 -14.34 12.34
C MET A 225 14.36 -14.87 12.56
N GLU A 226 15.38 -14.03 12.37
CA GLU A 226 16.75 -14.56 12.44
C GLU A 226 17.06 -15.14 13.82
N GLN A 227 16.37 -14.68 14.88
CA GLN A 227 16.56 -15.23 16.22
C GLN A 227 16.11 -16.69 16.31
N PHE A 228 15.32 -17.16 15.37
CA PHE A 228 14.74 -18.49 15.43
C PHE A 228 15.36 -19.45 14.44
N ILE A 229 16.33 -19.01 13.63
CA ILE A 229 17.03 -19.93 12.75
C ILE A 229 17.73 -20.98 13.58
N GLY A 230 17.50 -22.24 13.24
CA GLY A 230 17.99 -23.36 14.03
C GLY A 230 17.13 -23.71 15.23
N LYS A 231 16.01 -23.02 15.43
CA LYS A 231 15.12 -23.20 16.57
C LYS A 231 13.70 -23.41 16.10
N SER A 232 13.53 -24.09 14.96
CA SER A 232 12.23 -24.32 14.36
C SER A 232 12.00 -25.80 14.09
N GLY A 233 12.54 -26.68 14.94
CA GLY A 233 12.31 -28.10 14.74
C GLY A 233 12.85 -28.55 13.39
N LYS A 234 12.08 -29.39 12.71
CA LYS A 234 12.45 -29.85 11.38
C LYS A 234 11.95 -28.92 10.28
N MET A 235 11.31 -27.81 10.65
CA MET A 235 10.91 -26.81 9.68
C MET A 235 12.06 -25.84 9.47
N SER A 236 11.99 -25.06 8.39
CA SER A 236 12.94 -23.97 8.21
C SER A 236 12.20 -22.78 7.61
N PHE A 237 12.86 -21.62 7.68
CA PHE A 237 12.28 -20.38 7.21
C PHE A 237 12.58 -20.17 5.73
N MET A 238 11.57 -19.76 4.97
CA MET A 238 11.82 -19.37 3.59
C MET A 238 12.75 -18.18 3.53
N GLN A 239 13.71 -18.22 2.63
CA GLN A 239 14.62 -17.10 2.42
C GLN A 239 14.02 -16.17 1.40
N GLN A 240 13.80 -14.91 1.77
CA GLN A 240 13.29 -13.93 0.83
C GLN A 240 14.15 -13.89 -0.42
N HIS A 241 13.49 -13.95 -1.58
CA HIS A 241 14.06 -13.82 -2.92
C HIS A 241 14.83 -15.07 -3.36
N LYS A 242 14.87 -16.14 -2.57
CA LYS A 242 15.43 -17.39 -3.04
C LYS A 242 14.42 -18.10 -3.94
N THR A 243 14.90 -18.65 -5.06
CA THR A 243 14.04 -19.44 -5.92
C THR A 243 14.07 -20.90 -5.47
N TYR A 244 12.95 -21.40 -5.00
CA TYR A 244 12.82 -22.80 -4.59
C TYR A 244 12.21 -23.61 -5.73
N SER A 245 12.64 -24.85 -5.87
CA SER A 245 12.09 -25.72 -6.89
C SER A 245 11.40 -26.91 -6.24
N PHE A 246 10.21 -27.25 -6.74
CA PHE A 246 9.39 -28.30 -6.17
C PHE A 246 9.04 -29.31 -7.26
N THR A 247 9.28 -30.59 -6.97
CA THR A 247 9.13 -31.64 -7.96
C THR A 247 8.36 -32.83 -7.39
N GLU A 248 7.96 -33.72 -8.28
CA GLU A 248 7.47 -35.05 -7.91
C GLU A 248 6.21 -35.01 -7.06
N LEU B 3 6.06 27.23 11.31
CA LEU B 3 5.89 25.77 11.23
C LEU B 3 7.09 25.13 10.53
N GLN B 4 7.25 23.83 10.75
CA GLN B 4 8.28 23.03 10.11
C GLN B 4 7.63 21.95 9.28
N ILE B 5 8.26 21.59 8.16
CA ILE B 5 7.81 20.48 7.34
C ILE B 5 8.99 19.61 7.00
N GLN B 6 8.83 18.30 7.21
CA GLN B 6 9.81 17.29 6.80
C GLN B 6 9.09 16.31 5.90
N MET B 7 9.49 16.24 4.65
CA MET B 7 8.84 15.29 3.76
C MET B 7 9.34 13.88 4.08
N ILE B 8 8.44 12.99 4.50
CA ILE B 8 8.89 11.63 4.75
C ILE B 8 9.09 10.89 3.44
N GLY B 9 8.44 11.37 2.39
CA GLY B 9 8.75 10.99 1.02
C GLY B 9 8.47 12.18 0.13
N THR B 10 9.18 12.23 -1.02
CA THR B 10 9.04 13.32 -1.96
C THR B 10 8.66 12.82 -3.35
N GLY B 11 8.35 11.54 -3.48
CA GLY B 11 8.24 10.95 -4.79
C GLY B 11 6.85 11.01 -5.39
N SER B 12 6.84 10.87 -6.72
CA SER B 12 5.61 10.62 -7.43
C SER B 12 5.09 9.22 -7.09
N ALA B 13 3.94 8.86 -7.65
CA ALA B 13 3.17 7.75 -7.11
C ALA B 13 3.91 6.42 -7.21
N PHE B 14 4.76 6.24 -8.23
CA PHE B 14 5.42 4.97 -8.47
C PHE B 14 6.93 5.09 -8.39
N ALA B 15 7.41 6.20 -7.83
CA ALA B 15 8.85 6.39 -7.71
C ALA B 15 9.48 5.31 -6.83
N LYS B 16 10.64 4.81 -7.23
CA LYS B 16 11.30 3.78 -6.47
C LYS B 16 12.49 4.30 -5.65
N LYS B 17 12.99 5.49 -5.94
CA LYS B 17 14.08 6.07 -5.17
C LYS B 17 13.59 7.01 -4.08
N PHE B 18 12.32 7.38 -4.12
CA PHE B 18 11.74 8.31 -3.16
C PHE B 18 10.44 7.73 -2.66
N TYR B 19 10.20 7.84 -1.35
CA TYR B 19 8.95 7.38 -0.76
C TYR B 19 7.79 8.28 -1.22
N ASN B 20 6.56 7.84 -0.91
CA ASN B 20 5.37 8.59 -1.31
C ASN B 20 5.41 10.00 -0.76
N ASN B 21 4.87 10.94 -1.54
CA ASN B 21 4.88 12.36 -1.19
C ASN B 21 3.91 12.62 -0.05
N ASN B 22 4.43 12.52 1.17
CA ASN B 22 3.69 12.67 2.42
C ASN B 22 4.51 13.57 3.32
N ALA B 23 3.86 14.53 3.98
CA ALA B 23 4.55 15.60 4.70
C ALA B 23 4.31 15.50 6.20
N LEU B 24 5.40 15.50 6.96
CA LEU B 24 5.31 15.59 8.42
C LEU B 24 5.37 17.07 8.81
N VAL B 25 4.26 17.62 9.29
CA VAL B 25 4.16 19.02 9.68
C VAL B 25 4.29 19.10 11.19
N LYS B 26 5.17 19.97 11.68
CA LYS B 26 5.36 20.16 13.11
C LYS B 26 5.07 21.61 13.43
N CYS B 27 4.19 21.84 14.41
CA CYS B 27 3.82 23.20 14.78
C CYS B 27 3.33 23.20 16.22
N ASN B 28 4.00 23.98 17.08
CA ASN B 28 3.56 24.17 18.48
C ASN B 28 3.33 22.84 19.18
N GLY B 29 4.23 21.87 18.94
CA GLY B 29 4.18 20.59 19.59
C GLY B 29 3.30 19.55 18.93
N PHE B 30 2.50 19.95 17.94
CA PHE B 30 1.60 19.04 17.23
C PHE B 30 2.32 18.49 16.01
N GLN B 31 2.10 17.21 15.73
CA GLN B 31 2.67 16.60 14.52
C GLN B 31 1.53 16.10 13.66
N LEU B 32 1.39 16.70 12.48
CA LEU B 32 0.37 16.36 11.49
C LEU B 32 1.05 15.70 10.31
N LEU B 33 0.57 14.51 9.93
CA LEU B 33 1.05 13.85 8.73
C LEU B 33 0.08 14.15 7.60
N ILE B 34 0.54 14.84 6.56
CA ILE B 34 -0.30 15.11 5.40
C ILE B 34 -0.10 13.96 4.43
N ASP B 35 -1.15 13.14 4.30
CA ASP B 35 -1.23 11.95 3.46
C ASP B 35 -0.38 10.81 4.00
N CYS B 36 -0.81 9.60 3.68
CA CYS B 36 -0.37 8.42 4.40
C CYS B 36 -0.40 7.28 3.38
N GLY B 37 0.59 7.31 2.48
CA GLY B 37 0.66 6.36 1.39
C GLY B 37 1.18 5.00 1.80
N VAL B 38 1.20 4.09 0.82
CA VAL B 38 1.72 2.74 1.06
C VAL B 38 3.10 2.77 1.70
N THR B 39 3.91 3.80 1.44
CA THR B 39 5.27 3.85 2.00
C THR B 39 5.35 4.55 3.35
N ALA B 40 4.27 5.17 3.83
CA ALA B 40 4.40 6.04 5.00
C ALA B 40 4.88 5.27 6.22
N PRO B 41 4.38 4.08 6.55
CA PRO B 41 4.94 3.36 7.71
C PRO B 41 6.42 3.06 7.57
N ARG B 42 6.88 2.64 6.39
CA ARG B 42 8.30 2.38 6.23
C ARG B 42 9.12 3.66 6.34
N ALA B 43 8.62 4.76 5.78
CA ALA B 43 9.36 6.02 5.84
C ALA B 43 9.48 6.52 7.27
N LEU B 44 8.37 6.49 8.02
CA LEU B 44 8.42 6.90 9.43
C LEU B 44 9.37 6.01 10.22
N HIS B 45 9.33 4.71 9.96
CA HIS B 45 10.19 3.79 10.70
C HIS B 45 11.65 4.10 10.44
N GLU B 46 11.99 4.35 9.19
CA GLU B 46 13.36 4.73 8.84
C GLU B 46 13.79 6.01 9.54
N LEU B 47 12.87 6.97 9.66
CA LEU B 47 13.13 8.23 10.36
C LEU B 47 13.13 8.09 11.88
N GLY B 48 12.68 6.96 12.42
CA GLY B 48 12.63 6.81 13.86
C GLY B 48 11.45 7.47 14.51
N VAL B 49 10.38 7.72 13.76
CA VAL B 49 9.18 8.37 14.27
C VAL B 49 8.16 7.28 14.59
N PRO B 50 7.82 7.05 15.86
CA PRO B 50 6.76 6.09 16.16
C PRO B 50 5.43 6.67 15.73
N ILE B 51 4.53 5.79 15.28
CA ILE B 51 3.24 6.29 14.83
C ILE B 51 2.46 6.89 16.00
N THR B 52 2.81 6.52 17.23
CA THR B 52 2.21 7.13 18.41
C THR B 52 2.59 8.60 18.56
N GLY B 53 3.59 9.06 17.84
CA GLY B 53 3.96 10.47 17.83
C GLY B 53 3.21 11.32 16.83
N ILE B 54 2.34 10.71 16.04
CA ILE B 54 1.55 11.41 15.05
C ILE B 54 0.23 11.80 15.70
N ASP B 55 -0.02 13.10 15.85
CA ASP B 55 -1.27 13.53 16.48
C ASP B 55 -2.45 13.47 15.52
N GLY B 56 -2.20 13.61 14.22
CA GLY B 56 -3.26 13.47 13.25
C GLY B 56 -2.70 13.25 11.87
N ILE B 57 -3.55 12.67 11.02
CA ILE B 57 -3.30 12.42 9.60
C ILE B 57 -4.37 13.19 8.84
N LEU B 58 -3.96 13.94 7.83
CA LEU B 58 -4.91 14.62 6.95
C LEU B 58 -4.77 14.06 5.54
N ILE B 59 -5.89 13.78 4.89
CA ILE B 59 -5.93 13.12 3.58
C ILE B 59 -6.35 14.15 2.54
N THR B 60 -5.60 14.24 1.43
CA THR B 60 -5.92 15.24 0.40
C THR B 60 -6.67 14.66 -0.81
N HIS B 61 -6.55 13.36 -1.06
CA HIS B 61 -7.34 12.69 -2.09
C HIS B 61 -7.12 11.19 -1.95
N ILE B 62 -7.89 10.40 -2.68
CA ILE B 62 -7.85 8.95 -2.55
C ILE B 62 -7.04 8.38 -3.71
N HIS B 63 -5.80 8.05 -3.40
CA HIS B 63 -4.90 7.26 -4.25
C HIS B 63 -4.00 6.49 -3.30
N ALA B 64 -3.39 5.43 -3.80
CA ALA B 64 -2.62 4.54 -2.94
C ALA B 64 -1.45 5.25 -2.28
N ASP B 65 -0.81 6.20 -2.97
CA ASP B 65 0.33 6.90 -2.40
C ASP B 65 -0.10 7.96 -1.40
N HIS B 66 -1.40 8.04 -1.10
CA HIS B 66 -1.92 8.96 -0.10
C HIS B 66 -2.80 8.29 0.94
N VAL B 67 -3.33 7.08 0.70
CA VAL B 67 -4.15 6.41 1.70
C VAL B 67 -3.70 4.99 2.01
N GLY B 68 -2.78 4.43 1.22
CA GLY B 68 -2.47 3.01 1.33
C GLY B 68 -1.70 2.59 2.57
N GLY B 69 -1.29 3.54 3.40
CA GLY B 69 -0.63 3.25 4.66
C GLY B 69 -1.54 3.35 5.86
N ILE B 70 -2.78 3.81 5.67
CA ILE B 70 -3.68 4.03 6.81
C ILE B 70 -4.01 2.72 7.50
N GLU B 71 -4.17 1.63 6.74
CA GLU B 71 -4.54 0.36 7.34
C GLU B 71 -3.53 -0.08 8.38
N GLU B 72 -2.22 -0.01 8.05
CA GLU B 72 -1.21 -0.40 9.02
C GLU B 72 -1.26 0.49 10.26
N PHE B 73 -1.41 1.80 10.07
CA PHE B 73 -1.57 2.72 11.20
C PHE B 73 -2.74 2.28 12.07
N ALA B 74 -3.89 2.04 11.43
CA ALA B 74 -5.10 1.72 12.17
C ALA B 74 -4.94 0.45 12.99
N PHE B 75 -4.35 -0.60 12.40
CA PHE B 75 -4.18 -1.85 13.11
C PHE B 75 -3.21 -1.70 14.26
N ARG B 76 -2.06 -1.07 14.02
CA ARG B 76 -1.07 -0.96 15.09
C ARG B 76 -1.58 -0.05 16.21
N LEU B 77 -2.23 1.06 15.85
CA LEU B 77 -2.74 1.94 16.89
C LEU B 77 -3.82 1.24 17.73
N LYS B 78 -4.61 0.36 17.12
CA LYS B 78 -5.67 -0.30 17.90
C LYS B 78 -5.12 -1.46 18.73
N TYR B 79 -4.36 -2.36 18.12
CA TYR B 79 -4.02 -3.61 18.78
C TYR B 79 -2.69 -3.57 19.51
N LYS B 80 -1.77 -2.72 19.08
CA LYS B 80 -0.50 -2.64 19.80
C LYS B 80 -0.48 -1.51 20.82
N TYR B 81 -0.92 -0.32 20.42
CA TYR B 81 -0.76 0.85 21.28
C TYR B 81 -2.03 1.25 22.01
N GLY B 82 -3.19 0.84 21.52
CA GLY B 82 -4.45 1.22 22.16
C GLY B 82 -4.66 2.73 22.16
N MET B 83 -4.36 3.38 21.04
CA MET B 83 -4.34 4.84 20.99
C MET B 83 -5.23 5.34 19.86
N THR B 84 -5.93 6.44 20.13
CA THR B 84 -6.77 7.11 19.15
C THR B 84 -6.07 8.39 18.70
N ILE B 85 -5.77 8.49 17.41
CA ILE B 85 -5.30 9.74 16.81
C ILE B 85 -6.39 10.26 15.87
N LYS B 86 -6.23 11.51 15.45
CA LYS B 86 -7.21 12.15 14.59
C LYS B 86 -6.94 11.81 13.13
N LEU B 87 -8.02 11.71 12.36
CA LEU B 87 -7.94 11.50 10.92
C LEU B 87 -8.79 12.60 10.30
N PHE B 88 -8.13 13.61 9.75
CA PHE B 88 -8.79 14.76 9.14
C PHE B 88 -9.07 14.45 7.69
N VAL B 89 -10.34 14.50 7.30
CA VAL B 89 -10.76 14.10 5.96
C VAL B 89 -11.66 15.17 5.36
N PRO B 90 -11.38 15.66 4.16
CA PRO B 90 -12.32 16.57 3.51
C PRO B 90 -13.71 15.95 3.49
N ALA B 91 -14.71 16.79 3.76
CA ALA B 91 -16.08 16.31 3.90
C ALA B 91 -16.50 15.43 2.74
N ALA B 92 -16.14 15.82 1.51
CA ALA B 92 -16.56 15.08 0.33
C ALA B 92 -15.89 13.73 0.22
N LEU B 93 -14.81 13.50 0.98
CA LEU B 93 -14.09 12.25 0.92
C LEU B 93 -14.34 11.33 2.11
N VAL B 94 -15.05 11.81 3.14
CA VAL B 94 -15.28 11.01 4.35
C VAL B 94 -15.89 9.66 4.01
N ASN B 95 -16.96 9.67 3.21
CA ASN B 95 -17.65 8.42 2.90
C ASN B 95 -16.84 7.54 1.95
N PRO B 96 -16.39 8.00 0.76
CA PRO B 96 -15.64 7.08 -0.11
C PRO B 96 -14.36 6.58 0.50
N LEU B 97 -13.70 7.36 1.36
CA LEU B 97 -12.45 6.88 1.93
C LEU B 97 -12.65 5.58 2.68
N TRP B 98 -13.74 5.47 3.47
CA TRP B 98 -14.09 4.20 4.08
C TRP B 98 -14.76 3.26 3.08
N ASP B 99 -15.88 3.69 2.51
CA ASP B 99 -16.77 2.78 1.78
C ASP B 99 -16.04 2.07 0.63
N HIS B 100 -15.15 2.79 -0.05
CA HIS B 100 -14.58 2.31 -1.31
C HIS B 100 -13.09 2.06 -1.24
N SER B 101 -12.46 2.21 -0.09
CA SER B 101 -11.00 2.12 -0.03
C SER B 101 -10.53 1.38 1.23
N LEU B 102 -10.89 1.88 2.41
CA LEU B 102 -10.37 1.29 3.64
C LEU B 102 -11.23 0.16 4.20
N ARG B 103 -12.52 0.12 3.85
CA ARG B 103 -13.44 -0.83 4.46
C ARG B 103 -13.01 -2.27 4.22
N GLY B 104 -12.56 -2.57 3.00
CA GLY B 104 -12.28 -3.96 2.65
C GLY B 104 -11.35 -4.64 3.65
N GLY B 105 -10.24 -3.98 3.99
CA GLY B 105 -9.27 -4.53 4.91
C GLY B 105 -9.58 -4.27 6.38
N LEU B 106 -10.16 -3.12 6.68
CA LEU B 106 -10.38 -2.74 8.08
C LEU B 106 -11.72 -3.19 8.66
N GLU B 107 -12.74 -3.49 7.85
CA GLU B 107 -13.99 -3.96 8.43
C GLU B 107 -13.75 -5.26 9.17
N ASN B 108 -14.23 -5.32 10.40
CA ASN B 108 -14.17 -6.55 11.19
C ASN B 108 -15.47 -6.58 12.00
N LYS B 109 -16.54 -7.03 11.34
CA LYS B 109 -17.86 -6.96 11.93
C LYS B 109 -17.94 -7.74 13.23
N ALA B 110 -17.23 -8.86 13.31
CA ALA B 110 -17.36 -9.73 14.48
C ALA B 110 -16.68 -9.15 15.71
N GLU B 111 -15.82 -8.15 15.54
CA GLU B 111 -15.24 -7.41 16.66
C GLU B 111 -15.91 -6.05 16.83
N GLY B 112 -16.98 -5.78 16.09
CA GLY B 112 -17.67 -4.52 16.21
C GLY B 112 -16.97 -3.36 15.54
N LEU B 113 -16.10 -3.64 14.57
CA LEU B 113 -15.31 -2.61 13.89
C LEU B 113 -15.92 -2.44 12.50
N GLU B 114 -16.95 -1.61 12.40
CA GLU B 114 -17.71 -1.47 11.15
C GLU B 114 -17.54 -0.11 10.49
N GLN B 115 -16.83 0.83 11.12
CA GLN B 115 -16.73 2.16 10.56
C GLN B 115 -15.34 2.71 10.81
N LEU B 116 -14.98 3.72 10.01
CA LEU B 116 -13.67 4.35 10.16
C LEU B 116 -13.48 4.92 11.56
N ALA B 117 -14.54 5.45 12.15
CA ALA B 117 -14.47 6.00 13.50
C ALA B 117 -14.13 4.97 14.55
N ASP B 118 -14.21 3.68 14.23
CA ASP B 118 -13.75 2.64 15.14
C ASP B 118 -12.24 2.54 15.17
N TYR B 119 -11.54 3.27 14.32
CA TYR B 119 -10.08 3.20 14.25
C TYR B 119 -9.39 4.54 14.46
N PHE B 120 -10.13 5.64 14.37
CA PHE B 120 -9.60 6.98 14.47
C PHE B 120 -10.70 7.88 14.99
N ASP B 121 -10.29 9.05 15.50
CA ASP B 121 -11.22 10.16 15.72
C ASP B 121 -11.32 10.88 14.39
N VAL B 122 -12.40 10.63 13.64
CA VAL B 122 -12.54 11.18 12.29
C VAL B 122 -13.06 12.60 12.38
N VAL B 123 -12.36 13.53 11.77
CA VAL B 123 -12.71 14.95 11.79
C VAL B 123 -12.96 15.36 10.35
N ALA B 124 -14.23 15.55 9.99
CA ALA B 124 -14.58 16.00 8.65
C ALA B 124 -14.31 17.50 8.51
N LEU B 125 -13.64 17.89 7.42
CA LEU B 125 -13.27 19.29 7.19
C LEU B 125 -13.99 19.81 5.95
N GLU B 126 -14.84 20.81 6.14
CA GLU B 126 -15.46 21.47 4.99
C GLU B 126 -14.42 22.34 4.28
N GLU B 127 -14.57 22.47 2.97
CA GLU B 127 -13.61 23.30 2.25
C GLU B 127 -13.94 24.78 2.43
N ALA B 128 -12.95 25.63 2.16
CA ALA B 128 -13.12 27.08 2.15
C ALA B 128 -13.50 27.62 3.52
N VAL B 129 -13.14 26.88 4.56
CA VAL B 129 -13.28 27.30 5.95
C VAL B 129 -11.92 27.10 6.59
N VAL B 130 -11.50 28.04 7.44
CA VAL B 130 -10.23 27.82 8.15
C VAL B 130 -10.48 26.93 9.35
N HIS B 131 -9.63 25.93 9.54
CA HIS B 131 -9.72 24.99 10.65
C HIS B 131 -8.48 25.14 11.51
N GLU B 132 -8.67 25.49 12.78
CA GLU B 132 -7.57 25.49 13.74
C GLU B 132 -7.54 24.11 14.37
N ILE B 133 -6.66 23.24 13.87
CA ILE B 133 -6.65 21.88 14.40
C ILE B 133 -5.82 21.74 15.66
N HIS B 134 -4.99 22.74 15.98
CA HIS B 134 -4.19 22.84 17.19
C HIS B 134 -3.85 24.32 17.36
N PRO B 135 -3.69 24.82 18.60
CA PRO B 135 -3.38 26.25 18.74
C PRO B 135 -2.15 26.65 17.94
N GLY B 136 -2.32 27.62 17.04
CA GLY B 136 -1.26 28.05 16.17
C GLY B 136 -1.13 27.31 14.85
N LEU B 137 -1.91 26.25 14.64
CA LEU B 137 -1.85 25.47 13.41
C LEU B 137 -3.22 25.51 12.74
N THR B 138 -3.30 26.21 11.61
CA THR B 138 -4.54 26.28 10.84
C THR B 138 -4.36 25.63 9.48
N VAL B 139 -5.43 24.99 9.01
CA VAL B 139 -5.48 24.35 7.70
C VAL B 139 -6.70 24.86 6.97
N GLU B 140 -6.53 25.25 5.71
CA GLU B 140 -7.64 25.66 4.88
C GLU B 140 -7.57 24.84 3.60
N LEU B 141 -8.63 24.09 3.31
CA LEU B 141 -8.68 23.29 2.09
C LEU B 141 -9.04 24.17 0.91
N VAL B 142 -8.35 23.94 -0.20
CA VAL B 142 -8.63 24.58 -1.47
C VAL B 142 -8.81 23.47 -2.49
N ARG B 143 -9.97 23.40 -3.13
CA ARG B 143 -10.20 22.37 -4.12
C ARG B 143 -9.15 22.47 -5.22
N SER B 144 -8.50 21.35 -5.53
CA SER B 144 -7.52 21.28 -6.60
C SER B 144 -8.12 20.55 -7.79
N GLN B 145 -7.46 20.67 -8.93
CA GLN B 145 -7.77 19.83 -10.08
C GLN B 145 -6.67 18.79 -10.22
N HIS B 146 -7.08 17.52 -10.18
CA HIS B 146 -6.15 16.38 -10.33
C HIS B 146 -6.81 15.37 -11.25
N ILE B 147 -7.58 14.44 -10.74
CA ILE B 147 -8.39 13.57 -11.59
C ILE B 147 -9.75 14.22 -11.77
N ALA B 148 -10.13 14.49 -13.01
CA ALA B 148 -11.43 15.09 -13.26
C ALA B 148 -12.54 14.22 -12.69
N GLY B 149 -13.41 14.86 -11.89
CA GLY B 149 -14.55 14.17 -11.32
C GLY B 149 -14.29 13.51 -9.98
N LYS B 150 -13.07 13.60 -9.47
CA LYS B 150 -12.69 13.05 -8.17
C LYS B 150 -12.19 14.19 -7.30
N ALA B 151 -12.72 14.27 -6.08
CA ALA B 151 -12.41 15.40 -5.23
C ALA B 151 -10.98 15.29 -4.71
N SER B 152 -10.23 16.38 -4.85
CA SER B 152 -8.86 16.44 -4.39
C SER B 152 -8.59 17.85 -3.90
N TYR B 153 -7.66 17.98 -2.96
CA TYR B 153 -7.47 19.27 -2.29
C TYR B 153 -6.02 19.65 -2.16
N SER B 154 -5.77 20.94 -2.34
CA SER B 154 -4.58 21.62 -1.86
C SER B 154 -4.86 22.20 -0.48
N LEU B 155 -3.80 22.66 0.20
CA LEU B 155 -3.91 23.14 1.57
C LEU B 155 -3.17 24.46 1.74
N LEU B 156 -3.77 25.39 2.48
CA LEU B 156 -3.05 26.55 2.97
C LEU B 156 -2.80 26.36 4.45
N LEU B 157 -1.54 26.37 4.85
CA LEU B 157 -1.14 26.11 6.23
C LEU B 157 -0.69 27.41 6.90
N ASN B 158 -1.32 27.72 8.05
CA ASN B 158 -0.97 28.89 8.86
C ASN B 158 -1.00 30.19 8.07
N ASN B 159 -1.87 30.27 7.05
CA ASN B 159 -1.90 31.43 6.15
C ASN B 159 -0.49 31.82 5.73
N LEU B 160 0.34 30.83 5.44
CA LEU B 160 1.76 31.07 5.20
C LEU B 160 2.31 30.18 4.10
N LEU B 161 1.93 28.89 4.09
CA LEU B 161 2.51 27.90 3.19
C LEU B 161 1.39 27.24 2.40
N PHE B 162 1.46 27.33 1.07
CA PHE B 162 0.52 26.67 0.20
C PHE B 162 1.11 25.34 -0.23
N TYR B 163 0.43 24.24 0.11
CA TYR B 163 0.85 22.88 -0.17
C TYR B 163 -0.08 22.35 -1.25
N SER B 164 0.44 22.20 -2.47
CA SER B 164 -0.44 21.87 -3.58
C SER B 164 -1.03 20.47 -3.47
N SER B 165 -0.31 19.55 -2.85
CA SER B 165 -0.56 18.11 -3.01
C SER B 165 -0.61 17.80 -4.50
N ASP B 166 -1.30 16.74 -4.92
CA ASP B 166 -1.40 16.45 -6.35
C ASP B 166 -2.28 17.50 -7.03
N ALA B 167 -1.77 18.11 -8.10
CA ALA B 167 -2.42 19.33 -8.60
C ALA B 167 -1.97 19.64 -10.01
N ARG B 168 -2.93 19.84 -10.91
CA ARG B 168 -2.64 20.41 -12.21
C ARG B 168 -2.15 21.85 -12.06
N PHE B 169 -1.41 22.31 -13.07
CA PHE B 169 -0.87 23.65 -13.09
C PHE B 169 -1.98 24.68 -13.24
N ASN B 170 -2.00 25.68 -12.35
CA ASN B 170 -2.94 26.80 -12.40
C ASN B 170 -2.12 28.09 -12.32
N TYR B 171 -1.77 28.65 -13.47
CA TYR B 171 -0.95 29.85 -13.54
C TYR B 171 -1.57 30.99 -12.74
N ALA B 172 -2.84 31.29 -12.99
CA ALA B 172 -3.45 32.46 -12.38
C ALA B 172 -3.57 32.29 -10.86
N GLN B 173 -3.88 31.08 -10.40
CA GLN B 173 -4.01 30.87 -8.97
C GLN B 173 -2.68 31.03 -8.27
N LEU B 174 -1.61 30.51 -8.88
CA LEU B 174 -0.28 30.59 -8.28
C LEU B 174 0.25 32.02 -8.28
N VAL B 175 0.01 32.77 -9.36
CA VAL B 175 0.44 34.16 -9.36
C VAL B 175 -0.35 34.96 -8.35
N GLU B 176 -1.65 34.68 -8.23
CA GLU B 176 -2.45 35.38 -7.22
C GLU B 176 -2.00 35.04 -5.81
N LEU B 177 -1.54 33.82 -5.58
CA LEU B 177 -0.96 33.49 -4.28
C LEU B 177 0.27 34.34 -3.99
N SER B 178 1.06 34.64 -5.02
CA SER B 178 2.31 35.36 -4.79
C SER B 178 2.06 36.79 -4.31
N THR B 179 0.94 37.38 -4.71
CA THR B 179 0.68 38.79 -4.44
C THR B 179 -0.50 39.04 -3.50
N SER B 180 -1.33 38.04 -3.21
CA SER B 180 -2.46 38.26 -2.33
C SER B 180 -2.06 38.31 -0.86
N GLY B 181 -0.81 37.95 -0.54
CA GLY B 181 -0.37 37.87 0.84
C GLY B 181 -0.79 36.60 1.55
N ARG B 182 -1.60 35.75 0.92
CA ARG B 182 -2.10 34.55 1.60
C ARG B 182 -1.01 33.51 1.82
N CYS B 183 0.13 33.62 1.13
CA CYS B 183 1.22 32.71 1.43
C CYS B 183 2.56 33.35 1.07
N LYS B 184 3.61 32.84 1.73
CA LYS B 184 4.99 33.21 1.46
C LYS B 184 5.78 32.08 0.80
N TYR B 185 5.30 30.85 0.93
CA TYR B 185 5.97 29.67 0.39
C TYR B 185 4.94 28.81 -0.33
N ILE B 186 5.38 28.16 -1.39
CA ILE B 186 4.58 27.21 -2.16
C ILE B 186 5.38 25.92 -2.30
N LEU B 187 4.74 24.80 -1.97
CA LEU B 187 5.29 23.46 -2.21
C LEU B 187 4.40 22.83 -3.28
N HIS B 188 4.98 22.53 -4.44
CA HIS B 188 4.17 22.19 -5.61
C HIS B 188 4.57 20.87 -6.24
N ASP B 189 3.56 20.04 -6.49
CA ASP B 189 3.60 18.90 -7.40
C ASP B 189 4.39 19.22 -8.66
N CYS B 190 5.31 18.34 -9.04
CA CYS B 190 6.18 18.58 -10.20
C CYS B 190 6.38 17.30 -10.99
N GLN B 191 5.74 17.19 -12.15
CA GLN B 191 5.92 16.07 -13.05
C GLN B 191 7.06 16.38 -14.01
N LEU B 192 8.07 15.51 -14.05
CA LEU B 192 9.27 15.76 -14.83
C LEU B 192 9.15 15.32 -16.28
N ALA B 193 8.21 14.44 -16.60
CA ALA B 193 8.00 13.99 -17.96
C ALA B 193 6.82 14.73 -18.59
N GLU B 194 6.89 14.87 -19.87
CA GLU B 194 5.82 15.38 -20.71
C GLU B 194 5.02 14.23 -21.29
N PRO B 195 3.73 14.44 -21.62
CA PRO B 195 2.96 15.69 -21.57
C PRO B 195 2.17 15.91 -20.28
N ALA B 196 1.57 17.10 -20.14
CA ALA B 196 0.81 17.43 -18.94
C ALA B 196 -0.58 16.81 -19.00
N ALA B 197 -0.91 16.01 -18.00
CA ALA B 197 -2.25 15.44 -17.86
C ALA B 197 -2.84 15.80 -16.50
N VAL B 198 -2.54 15.03 -15.46
CA VAL B 198 -3.20 15.23 -14.17
C VAL B 198 -2.25 15.84 -13.13
N HIS B 199 -1.05 16.25 -13.53
CA HIS B 199 -0.08 16.90 -12.64
C HIS B 199 0.57 18.07 -13.34
N ALA B 200 0.84 19.13 -12.58
CA ALA B 200 1.64 20.23 -13.12
C ALA B 200 3.01 19.71 -13.51
N THR B 201 3.51 20.16 -14.66
CA THR B 201 4.82 19.72 -15.08
C THR B 201 5.88 20.80 -14.81
N LEU B 202 7.14 20.36 -14.77
CA LEU B 202 8.22 21.32 -14.56
C LEU B 202 8.22 22.39 -15.64
N ASN B 203 8.01 22.00 -16.91
CA ASN B 203 7.94 22.99 -17.98
C ASN B 203 6.82 24.00 -17.74
N GLU B 204 5.68 23.53 -17.23
CA GLU B 204 4.60 24.46 -16.93
C GLU B 204 5.01 25.41 -15.81
N LEU B 205 5.58 24.87 -14.74
CA LEU B 205 6.00 25.72 -13.63
C LEU B 205 7.06 26.72 -14.05
N LEU B 206 7.92 26.35 -15.01
CA LEU B 206 8.94 27.27 -15.51
C LEU B 206 8.35 28.44 -16.29
N THR B 207 7.07 28.40 -16.63
CA THR B 207 6.43 29.54 -17.26
C THR B 207 6.05 30.63 -16.27
N LEU B 208 6.08 30.34 -14.97
CA LEU B 208 5.73 31.32 -13.96
C LEU B 208 6.75 32.45 -13.93
N PRO B 209 6.32 33.66 -13.53
CA PRO B 209 7.30 34.73 -13.30
C PRO B 209 8.33 34.34 -12.25
N GLU B 210 9.52 34.94 -12.37
CA GLU B 210 10.62 34.60 -11.46
C GLU B 210 10.23 34.81 -10.01
N ALA B 211 9.43 35.85 -9.72
CA ALA B 211 9.05 36.14 -8.34
C ALA B 211 8.20 35.02 -7.75
N VAL B 212 7.39 34.36 -8.58
CA VAL B 212 6.64 33.21 -8.09
C VAL B 212 7.55 31.99 -7.94
N GLN B 213 8.45 31.77 -8.91
CA GLN B 213 9.39 30.65 -8.83
C GLN B 213 10.22 30.73 -7.56
N GLU B 214 10.62 31.94 -7.16
CA GLU B 214 11.39 32.11 -5.93
C GLU B 214 10.67 31.60 -4.70
N MET B 215 9.34 31.49 -4.77
CA MET B 215 8.57 31.00 -3.64
C MET B 215 8.43 29.50 -3.59
N ILE B 216 8.88 28.77 -4.61
CA ILE B 216 8.40 27.41 -4.87
C ILE B 216 9.52 26.41 -4.59
N MET B 217 9.18 25.36 -3.86
CA MET B 217 9.96 24.13 -3.85
C MET B 217 9.10 23.04 -4.47
N LEU B 218 9.77 22.10 -5.13
CA LEU B 218 9.12 21.08 -5.93
C LEU B 218 9.11 19.75 -5.21
N MET B 219 8.01 19.01 -5.37
CA MET B 219 7.79 17.74 -4.68
C MET B 219 6.98 16.81 -5.59
N HIS B 220 6.71 15.60 -5.09
CA HIS B 220 5.97 14.58 -5.85
C HIS B 220 6.66 14.30 -7.19
N TYR B 221 7.98 14.12 -7.15
CA TYR B 221 8.78 14.01 -8.37
C TYR B 221 9.29 12.59 -8.58
N ASP B 222 9.61 12.27 -9.84
CA ASP B 222 9.99 10.92 -10.21
C ASP B 222 11.48 10.71 -10.01
N ASP B 223 11.94 9.49 -10.30
CA ASP B 223 13.27 9.04 -9.91
C ASP B 223 14.38 9.77 -10.66
N GLU B 224 14.08 10.40 -11.79
CA GLU B 224 15.12 11.11 -12.54
C GLU B 224 15.27 12.57 -12.09
N MET B 225 14.76 12.90 -10.90
CA MET B 225 14.84 14.27 -10.38
C MET B 225 16.26 14.82 -10.44
N GLU B 226 17.26 13.99 -10.14
CA GLU B 226 18.63 14.50 -10.08
C GLU B 226 19.08 15.10 -11.41
N GLN B 227 18.50 14.61 -12.52
CA GLN B 227 18.85 15.13 -13.85
C GLN B 227 18.44 16.58 -14.02
N PHE B 228 17.54 17.08 -13.18
CA PHE B 228 16.98 18.41 -13.33
C PHE B 228 17.47 19.39 -12.27
N ILE B 229 18.37 18.95 -11.39
CA ILE B 229 18.95 19.88 -10.42
C ILE B 229 19.74 20.94 -11.16
N GLY B 230 19.48 22.21 -10.84
CA GLY B 230 20.05 23.31 -11.57
C GLY B 230 19.38 23.60 -12.90
N LYS B 231 18.34 22.85 -13.26
CA LYS B 231 17.55 23.09 -14.46
C LYS B 231 16.09 23.36 -14.10
N SER B 232 15.85 24.01 -12.96
CA SER B 232 14.51 24.26 -12.48
C SER B 232 14.28 25.75 -12.22
N GLY B 233 14.94 26.60 -13.00
CA GLY B 233 14.77 28.03 -12.82
C GLY B 233 15.18 28.45 -11.42
N LYS B 234 14.37 29.32 -10.83
CA LYS B 234 14.60 29.76 -9.46
C LYS B 234 13.91 28.86 -8.44
N MET B 235 13.22 27.81 -8.91
CA MET B 235 12.64 26.81 -8.03
C MET B 235 13.72 25.83 -7.59
N SER B 236 13.41 25.08 -6.52
CA SER B 236 14.31 24.10 -5.96
C SER B 236 13.53 22.83 -5.66
N PHE B 237 14.20 21.69 -5.69
CA PHE B 237 13.59 20.42 -5.31
C PHE B 237 13.69 20.23 -3.82
N MET B 238 12.56 19.86 -3.19
CA MET B 238 12.61 19.48 -1.78
C MET B 238 13.48 18.26 -1.60
N GLN B 239 14.30 18.28 -0.56
CA GLN B 239 15.15 17.14 -0.22
C GLN B 239 14.39 16.22 0.71
N GLN B 240 14.25 14.94 0.33
CA GLN B 240 13.55 13.99 1.17
C GLN B 240 14.22 13.91 2.54
N HIS B 241 13.40 13.94 3.60
CA HIS B 241 13.78 13.80 5.00
C HIS B 241 14.48 15.02 5.56
N LYS B 242 14.62 16.10 4.81
CA LYS B 242 15.14 17.34 5.36
C LYS B 242 14.02 18.11 6.04
N THR B 243 14.30 18.62 7.24
CA THR B 243 13.32 19.45 7.94
C THR B 243 13.52 20.90 7.54
N TYR B 244 12.48 21.50 6.96
CA TYR B 244 12.47 22.90 6.58
C TYR B 244 11.71 23.70 7.62
N SER B 245 12.17 24.92 7.89
CA SER B 245 11.50 25.82 8.80
C SER B 245 10.95 27.00 8.00
N PHE B 246 9.69 27.33 8.23
CA PHE B 246 9.00 28.39 7.51
C PHE B 246 8.58 29.45 8.52
N THR B 247 9.10 30.65 8.36
CA THR B 247 8.95 31.71 9.34
C THR B 247 7.97 32.77 8.84
N GLU B 248 7.43 33.52 9.81
CA GLU B 248 6.44 34.60 9.67
C GLU B 248 5.03 34.05 9.70
ZN ZN C . -4.12 -10.90 6.40
ZN ZN D . -0.87 -10.95 5.62
ZN ZN E . -2.98 11.27 -6.88
ZN ZN F . 0.14 11.22 -5.65
#